data_9S1I
#
_entry.id   9S1I
#
_cell.length_a   90.477
_cell.length_b   90.477
_cell.length_c   122.860
_cell.angle_alpha   90.00
_cell.angle_beta   90.00
_cell.angle_gamma   120.00
#
_symmetry.space_group_name_H-M   'P 32 2 1'
#
loop_
_entity.id
_entity.type
_entity.pdbx_description
1 polymer 'Dihydroorotate dehydrogenase (quinone), mitochondrial'
2 non-polymer 'FLAVIN MONONUCLEOTIDE'
3 non-polymer 'OROTIC ACID'
4 non-polymer 3-[[3-ethanoyl-5-(3-methylbut-2-enyl)-2,4,6-tris(oxidanyl)phenyl]methyl]-6-ethyl-5-methyl-4-oxidanyl-pyran-2-one
5 non-polymer 'ACETATE ION'
6 non-polymer 'SULFATE ION'
7 water water
#
_entity_poly.entity_id   1
_entity_poly.type   'polypeptide(L)'
_entity_poly.pdbx_seq_one_letter_code
;MGHHHHHHHHHHSSGHIDDDDKHMATGDERFYAEHLMPTLQGLLDPESAHRLAVRFTSLGLLPRARFQDSDMLEVRVLGH
KFRNPVGIAAGFDKHGEAVDGLYKMGFGFVEIGSVTPKPQEGNPRPRVFRLPEDQAVINRYGFNSHGLSVVEHRLRARQQ
KQAKLTEDGLPLGVNLGKNKTSVDAAEDYAEGVRVLGPLADYLVVNVSSPNTAGLRSLQGKAELRRLLTKVLQERDGLRR
VHRPAVLVKIAPDLTSQDKEDIASVVKELGIDGLIVTNTTVSRPAGLQGALRSETGGLSGKPLRDLSTQTIREMYALTQG
RVPIIGVGGVSSGQDALEKIRAGASLVQLYTALTFWGPPVVGKVKRELEALLKEQGFGGVTDAIGADHRR
;
_entity_poly.pdbx_strand_id   A
#
# COMPACT_ATOMS: atom_id res chain seq x y z
N GLN A 41 23.01 -5.55 -3.05
CA GLN A 41 21.91 -4.98 -3.87
C GLN A 41 22.20 -3.50 -4.20
N GLY A 42 22.80 -2.75 -3.28
CA GLY A 42 23.08 -1.36 -3.55
C GLY A 42 23.99 -1.13 -4.74
N LEU A 43 24.79 -2.13 -5.11
CA LEU A 43 25.82 -1.97 -6.14
C LEU A 43 25.31 -2.20 -7.56
N LEU A 44 24.16 -2.84 -7.72
CA LEU A 44 23.57 -3.04 -9.03
C LEU A 44 22.72 -1.82 -9.41
N ASP A 45 22.22 -1.80 -10.65
CA ASP A 45 21.21 -0.81 -10.97
C ASP A 45 19.95 -1.11 -10.16
N PRO A 46 19.16 -0.09 -9.85
CA PRO A 46 18.05 -0.29 -8.89
C PRO A 46 17.06 -1.37 -9.29
N GLU A 47 16.69 -1.45 -10.57
CA GLU A 47 15.72 -2.48 -10.98
C GLU A 47 16.31 -3.88 -10.83
N SER A 48 17.56 -4.07 -11.28
CA SER A 48 18.18 -5.38 -11.10
C SER A 48 18.28 -5.73 -9.62
N ALA A 49 18.60 -4.75 -8.77
CA ALA A 49 18.68 -4.99 -7.34
C ALA A 49 17.32 -5.42 -6.79
N HIS A 50 16.25 -4.78 -7.25
CA HIS A 50 14.91 -5.16 -6.81
C HIS A 50 14.60 -6.60 -7.19
N ARG A 51 14.88 -6.98 -8.44
CA ARG A 51 14.59 -8.34 -8.85
C ARG A 51 15.37 -9.34 -8.02
N LEU A 52 16.64 -9.03 -7.72
CA LEU A 52 17.41 -9.92 -6.85
C LEU A 52 16.80 -10.00 -5.46
N ALA A 53 16.33 -8.86 -4.94
CA ALA A 53 15.69 -8.85 -3.62
C ALA A 53 14.42 -9.67 -3.60
N VAL A 54 13.60 -9.59 -4.65
CA VAL A 54 12.39 -10.39 -4.72
C VAL A 54 12.73 -11.86 -4.74
N ARG A 55 13.70 -12.24 -5.59
CA ARG A 55 14.05 -13.65 -5.69
C ARG A 55 14.59 -14.17 -4.36
N PHE A 56 15.49 -13.41 -3.74
CA PHE A 56 16.04 -13.81 -2.45
C PHE A 56 14.95 -13.97 -1.40
N THR A 57 14.01 -13.02 -1.36
CA THR A 57 12.94 -13.08 -0.38
C THR A 57 12.04 -14.27 -0.61
N SER A 58 11.69 -14.53 -1.88
CA SER A 58 10.79 -15.62 -2.21
C SER A 58 11.37 -16.97 -1.81
N LEU A 59 12.69 -17.11 -1.83
CA LEU A 59 13.33 -18.36 -1.46
C LEU A 59 13.39 -18.58 0.05
N GLY A 60 13.03 -17.58 0.85
CA GLY A 60 13.15 -17.69 2.28
C GLY A 60 14.56 -17.69 2.82
N LEU A 61 15.55 -17.32 1.99
CA LEU A 61 16.94 -17.34 2.44
C LEU A 61 17.23 -16.36 3.55
N LEU A 62 16.32 -15.44 3.83
CA LEU A 62 16.52 -14.52 4.93
C LEU A 62 16.18 -15.21 6.26
N PRO A 63 17.02 -15.08 7.28
CA PRO A 63 16.67 -15.63 8.60
C PRO A 63 15.36 -15.05 9.09
N ARG A 64 14.55 -15.88 9.73
CA ARG A 64 13.29 -15.43 10.29
C ARG A 64 13.53 -14.30 11.29
N ALA A 65 12.74 -13.25 11.19
CA ALA A 65 12.88 -12.11 12.10
C ALA A 65 12.73 -12.56 13.54
N ARG A 66 13.51 -11.94 14.43
CA ARG A 66 13.49 -12.31 15.84
C ARG A 66 12.48 -11.51 16.67
N PHE A 67 12.15 -10.29 16.25
CA PHE A 67 11.16 -9.52 16.98
C PHE A 67 9.84 -10.29 17.08
N GLN A 68 9.39 -10.50 18.31
CA GLN A 68 8.09 -11.13 18.57
C GLN A 68 7.06 -10.03 18.82
N ASP A 69 5.97 -10.07 18.06
CA ASP A 69 4.96 -9.03 18.15
C ASP A 69 4.23 -9.10 19.49
N SER A 70 4.12 -7.95 20.14
CA SER A 70 3.40 -7.86 21.40
C SER A 70 1.92 -7.56 21.15
N ASP A 71 1.11 -7.85 22.15
CA ASP A 71 -0.33 -7.63 22.04
C ASP A 71 -0.66 -6.16 21.76
N MET A 72 0.23 -5.25 22.18
CA MET A 72 0.02 -3.82 21.99
C MET A 72 -0.07 -3.44 20.53
N LEU A 73 0.46 -4.28 19.64
CA LEU A 73 0.55 -3.94 18.21
C LEU A 73 -0.61 -4.50 17.41
N GLU A 74 -1.47 -5.32 18.01
CA GLU A 74 -2.59 -5.92 17.29
C GLU A 74 -3.65 -4.87 16.97
N VAL A 75 -4.16 -4.94 15.74
CA VAL A 75 -5.22 -4.05 15.26
C VAL A 75 -6.31 -4.90 14.62
N ARG A 76 -7.57 -4.60 14.95
CA ARG A 76 -8.71 -5.24 14.31
C ARG A 76 -9.41 -4.21 13.43
N VAL A 77 -9.34 -4.40 12.11
CA VAL A 77 -9.92 -3.46 11.15
C VAL A 77 -10.19 -4.22 9.86
N LEU A 78 -11.08 -3.69 9.02
CA LEU A 78 -11.38 -4.29 7.72
C LEU A 78 -11.86 -5.75 7.84
N GLY A 79 -12.43 -6.08 8.99
CA GLY A 79 -12.94 -7.43 9.20
C GLY A 79 -11.89 -8.45 9.54
N HIS A 80 -10.70 -8.01 9.93
CA HIS A 80 -9.59 -8.92 10.16
C HIS A 80 -8.74 -8.47 11.35
N LYS A 81 -8.03 -9.44 11.91
CA LYS A 81 -7.01 -9.19 12.90
C LYS A 81 -5.67 -9.00 12.20
N PHE A 82 -4.93 -7.97 12.60
CA PHE A 82 -3.58 -7.74 12.11
C PHE A 82 -2.62 -7.85 13.29
N ARG A 83 -1.71 -8.82 13.23
CA ARG A 83 -0.80 -9.07 14.35
C ARG A 83 0.04 -7.85 14.68
N ASN A 84 0.44 -7.10 13.65
CA ASN A 84 1.08 -5.82 13.86
C ASN A 84 0.66 -4.90 12.72
N PRO A 85 0.83 -3.60 12.86
CA PRO A 85 0.27 -2.66 11.87
C PRO A 85 1.21 -2.27 10.75
N VAL A 86 2.32 -2.99 10.56
CA VAL A 86 3.35 -2.56 9.60
C VAL A 86 3.31 -3.49 8.39
N GLY A 87 2.84 -2.99 7.25
CA GLY A 87 2.75 -3.79 6.05
C GLY A 87 3.77 -3.41 5.00
N ILE A 88 4.00 -4.32 4.05
CA ILE A 88 4.78 -4.00 2.85
C ILE A 88 3.85 -3.36 1.81
N ALA A 89 4.22 -2.17 1.35
CA ALA A 89 3.40 -1.43 0.41
C ALA A 89 3.41 -2.09 -0.97
N ALA A 90 2.35 -1.81 -1.74
CA ALA A 90 2.29 -2.26 -3.13
C ALA A 90 3.53 -1.81 -3.90
N GLY A 91 3.95 -2.63 -4.85
CA GLY A 91 5.08 -2.33 -5.71
C GLY A 91 6.31 -3.18 -5.44
N PHE A 92 6.52 -3.58 -4.18
CA PHE A 92 7.65 -4.45 -3.91
C PHE A 92 7.42 -5.82 -4.52
N ASP A 93 6.24 -6.39 -4.31
CA ASP A 93 5.87 -7.69 -4.87
C ASP A 93 4.71 -7.47 -5.85
N LYS A 94 5.05 -6.96 -7.03
CA LYS A 94 4.01 -6.63 -8.00
C LYS A 94 3.24 -7.86 -8.45
N HIS A 95 3.90 -9.02 -8.50
CA HIS A 95 3.31 -10.19 -9.14
C HIS A 95 3.04 -11.34 -8.18
N GLY A 96 3.10 -11.11 -6.87
CA GLY A 96 2.76 -12.13 -5.89
C GLY A 96 3.77 -13.25 -5.79
N GLU A 97 5.05 -12.94 -5.90
CA GLU A 97 6.11 -13.93 -5.93
C GLU A 97 6.77 -14.19 -4.59
N ALA A 98 6.57 -13.31 -3.60
CA ALA A 98 7.38 -13.34 -2.38
C ALA A 98 6.55 -13.20 -1.12
N VAL A 99 5.25 -13.55 -1.19
CA VAL A 99 4.35 -13.26 -0.08
C VAL A 99 4.83 -13.92 1.20
N ASP A 100 5.16 -15.21 1.14
CA ASP A 100 5.53 -15.89 2.38
C ASP A 100 6.85 -15.39 2.94
N GLY A 101 7.81 -15.06 2.07
CA GLY A 101 9.05 -14.44 2.53
C GLY A 101 8.82 -13.11 3.21
N LEU A 102 7.84 -12.35 2.74
CA LEU A 102 7.54 -11.06 3.35
C LEU A 102 6.93 -11.21 4.74
N TYR A 103 6.05 -12.20 4.94
CA TYR A 103 5.59 -12.47 6.30
C TYR A 103 6.76 -12.87 7.19
N LYS A 104 7.69 -13.66 6.65
CA LYS A 104 8.83 -14.09 7.46
C LYS A 104 9.69 -12.91 7.87
N MET A 105 9.72 -11.85 7.04
CA MET A 105 10.42 -10.60 7.35
C MET A 105 9.81 -9.82 8.52
N GLY A 106 8.60 -10.18 8.96
CA GLY A 106 7.98 -9.52 10.09
C GLY A 106 6.83 -8.61 9.74
N PHE A 107 6.47 -8.48 8.48
CA PHE A 107 5.34 -7.63 8.12
C PHE A 107 4.05 -8.23 8.64
N GLY A 108 3.18 -7.37 9.20
CA GLY A 108 1.89 -7.83 9.71
C GLY A 108 0.85 -8.05 8.65
N PHE A 109 1.06 -7.52 7.45
CA PHE A 109 0.21 -7.80 6.30
C PHE A 109 1.01 -7.51 5.04
N VAL A 110 0.62 -8.17 3.96
CA VAL A 110 1.31 -8.06 2.67
C VAL A 110 0.31 -7.58 1.65
N GLU A 111 0.71 -6.61 0.83
CA GLU A 111 -0.10 -6.16 -0.31
C GLU A 111 0.71 -6.43 -1.57
N ILE A 112 0.14 -7.20 -2.50
CA ILE A 112 0.80 -7.43 -3.78
C ILE A 112 0.17 -6.54 -4.84
N GLY A 113 0.87 -6.39 -5.97
CA GLY A 113 0.37 -5.58 -7.07
C GLY A 113 1.17 -4.30 -7.22
N SER A 114 0.71 -3.44 -8.13
CA SER A 114 -0.55 -3.54 -8.88
C SER A 114 -0.53 -4.62 -9.95
N VAL A 115 -1.67 -5.28 -10.11
CA VAL A 115 -1.86 -6.32 -11.13
C VAL A 115 -2.80 -5.77 -12.19
N THR A 116 -2.43 -5.91 -13.48
CA THR A 116 -3.30 -5.50 -14.57
C THR A 116 -4.00 -6.72 -15.18
N PRO A 117 -5.12 -6.54 -15.87
CA PRO A 117 -5.83 -7.71 -16.40
C PRO A 117 -4.99 -8.56 -17.34
N LYS A 118 -4.46 -7.94 -18.39
CA LYS A 118 -3.54 -8.62 -19.30
C LYS A 118 -2.11 -8.34 -18.91
N PRO A 119 -1.18 -9.25 -19.20
CA PRO A 119 0.25 -8.95 -18.97
C PRO A 119 0.66 -7.72 -19.76
N GLN A 120 1.56 -6.93 -19.18
CA GLN A 120 2.12 -5.82 -19.95
C GLN A 120 3.51 -5.49 -19.40
N GLU A 121 4.35 -4.95 -20.27
CA GLU A 121 5.77 -4.82 -19.94
C GLU A 121 6.11 -3.56 -19.15
N GLY A 122 5.29 -2.53 -19.20
CA GLY A 122 5.65 -1.27 -18.56
C GLY A 122 6.57 -0.43 -19.43
N ASN A 123 7.15 0.60 -18.81
CA ASN A 123 7.98 1.56 -19.54
C ASN A 123 9.38 1.02 -19.83
N PRO A 124 10.09 1.62 -20.79
CA PRO A 124 11.47 1.19 -21.05
C PRO A 124 12.40 1.54 -19.90
N ARG A 125 13.48 0.76 -19.79
CA ARG A 125 14.48 0.87 -18.74
C ARG A 125 15.60 1.81 -19.16
N PRO A 126 16.18 2.57 -18.22
CA PRO A 126 15.88 2.61 -16.79
C PRO A 126 14.59 3.37 -16.45
N ARG A 127 13.92 2.88 -15.40
CA ARG A 127 12.64 3.45 -14.98
C ARG A 127 12.57 3.52 -13.46
N VAL A 128 13.68 3.32 -12.77
CA VAL A 128 13.77 3.45 -11.33
C VAL A 128 15.09 4.12 -10.99
N PHE A 129 15.04 5.07 -10.07
CA PHE A 129 16.19 5.93 -9.78
C PHE A 129 16.31 6.13 -8.28
N ARG A 130 17.51 5.96 -7.75
CA ARG A 130 17.80 6.22 -6.35
CA ARG A 130 17.77 6.23 -6.35
C ARG A 130 18.23 7.67 -6.16
N LEU A 131 17.74 8.29 -5.08
CA LEU A 131 18.16 9.64 -4.67
C LEU A 131 18.75 9.49 -3.27
N PRO A 132 20.00 9.00 -3.17
CA PRO A 132 20.52 8.66 -1.83
C PRO A 132 20.59 9.85 -0.90
N GLU A 133 20.93 11.04 -1.42
CA GLU A 133 21.04 12.23 -0.58
C GLU A 133 19.71 12.64 0.02
N ASP A 134 18.60 12.14 -0.52
CA ASP A 134 17.26 12.46 -0.04
C ASP A 134 16.56 11.29 0.62
N GLN A 135 17.22 10.13 0.72
CA GLN A 135 16.55 8.90 1.15
C GLN A 135 15.24 8.71 0.40
N ALA A 136 15.31 8.87 -0.92
CA ALA A 136 14.13 8.86 -1.77
C ALA A 136 14.41 8.02 -3.01
N VAL A 137 13.32 7.67 -3.70
CA VAL A 137 13.35 6.97 -4.98
C VAL A 137 12.36 7.66 -5.90
N ILE A 138 12.68 7.67 -7.20
CA ILE A 138 11.73 8.04 -8.25
C ILE A 138 11.54 6.82 -9.15
N ASN A 139 10.29 6.46 -9.42
CA ASN A 139 10.01 5.33 -10.32
C ASN A 139 8.95 5.70 -11.34
N ARG A 140 9.09 5.12 -12.53
CA ARG A 140 8.10 5.22 -13.60
C ARG A 140 7.95 3.85 -14.27
N TYR A 141 7.71 2.83 -13.45
CA TYR A 141 7.56 1.48 -13.99
C TYR A 141 6.45 1.41 -15.05
N GLY A 142 5.30 2.05 -14.79
CA GLY A 142 4.19 1.99 -15.72
C GLY A 142 3.40 0.71 -15.66
N PHE A 143 3.22 0.15 -14.46
CA PHE A 143 2.36 -1.02 -14.28
C PHE A 143 2.87 -2.23 -15.07
N ASN A 144 4.16 -2.50 -14.97
CA ASN A 144 4.65 -3.79 -15.44
C ASN A 144 3.95 -4.89 -14.64
N SER A 145 3.36 -5.86 -15.33
CA SER A 145 2.54 -6.83 -14.61
C SER A 145 2.52 -8.16 -15.34
N HIS A 146 2.66 -9.25 -14.58
CA HIS A 146 2.45 -10.58 -15.15
C HIS A 146 1.00 -10.82 -15.55
N GLY A 147 0.06 -9.99 -15.09
CA GLY A 147 -1.34 -10.13 -15.47
C GLY A 147 -2.14 -10.99 -14.50
N LEU A 148 -3.46 -10.87 -14.60
CA LEU A 148 -4.36 -11.51 -13.63
C LEU A 148 -4.23 -13.03 -13.62
N SER A 149 -4.13 -13.64 -14.79
N SER A 149 -4.14 -13.64 -14.80
CA SER A 149 -4.16 -15.11 -14.84
CA SER A 149 -4.15 -15.10 -14.86
C SER A 149 -2.93 -15.69 -14.14
C SER A 149 -2.93 -15.69 -14.14
N VAL A 150 -1.74 -15.14 -14.41
CA VAL A 150 -0.53 -15.65 -13.78
C VAL A 150 -0.61 -15.44 -12.27
N VAL A 151 -1.01 -14.24 -11.84
CA VAL A 151 -1.07 -14.00 -10.40
C VAL A 151 -2.14 -14.87 -9.74
N GLU A 152 -3.28 -15.06 -10.41
CA GLU A 152 -4.32 -15.93 -9.90
C GLU A 152 -3.78 -17.32 -9.58
N HIS A 153 -3.05 -17.89 -10.51
CA HIS A 153 -2.54 -19.25 -10.27
C HIS A 153 -1.47 -19.24 -9.18
N ARG A 154 -0.64 -18.20 -9.10
CA ARG A 154 0.31 -18.12 -7.99
C ARG A 154 -0.37 -18.09 -6.64
N LEU A 155 -1.42 -17.26 -6.50
CA LEU A 155 -2.09 -17.20 -5.21
C LEU A 155 -2.88 -18.48 -4.95
N ARG A 156 -3.44 -19.11 -5.98
CA ARG A 156 -4.19 -20.34 -5.76
C ARG A 156 -3.29 -21.44 -5.22
N ALA A 157 -2.01 -21.45 -5.60
CA ALA A 157 -1.10 -22.50 -5.16
C ALA A 157 -0.87 -22.45 -3.66
N ARG A 158 -1.21 -21.34 -3.00
CA ARG A 158 -1.03 -21.17 -1.55
C ARG A 158 -2.30 -20.63 -0.89
N GLN A 159 -3.48 -20.85 -1.49
CA GLN A 159 -4.70 -20.21 -1.01
C GLN A 159 -5.07 -20.68 0.39
N GLN A 160 -4.94 -21.98 0.67
CA GLN A 160 -5.29 -22.46 2.01
C GLN A 160 -4.23 -22.11 3.02
N LYS A 161 -2.96 -22.08 2.61
CA LYS A 161 -1.91 -21.57 3.49
C LYS A 161 -2.21 -20.14 3.88
N GLN A 162 -2.65 -19.32 2.91
CA GLN A 162 -3.02 -17.94 3.23
C GLN A 162 -4.23 -17.88 4.13
N ALA A 163 -5.21 -18.77 3.94
CA ALA A 163 -6.36 -18.73 4.82
C ALA A 163 -5.93 -18.92 6.27
N LYS A 164 -4.96 -19.81 6.51
CA LYS A 164 -4.47 -20.03 7.86
C LYS A 164 -3.70 -18.81 8.36
N LEU A 165 -2.88 -18.21 7.50
CA LEU A 165 -2.15 -17.00 7.90
C LEU A 165 -3.11 -15.88 8.28
N THR A 166 -4.13 -15.66 7.45
CA THR A 166 -5.12 -14.62 7.74
C THR A 166 -5.79 -14.87 9.08
N GLU A 167 -6.20 -16.11 9.33
CA GLU A 167 -6.81 -16.45 10.61
C GLU A 167 -5.85 -16.19 11.77
N ASP A 168 -4.55 -16.33 11.52
CA ASP A 168 -3.52 -16.08 12.52
CA ASP A 168 -3.52 -16.09 12.52
C ASP A 168 -3.08 -14.62 12.59
N GLY A 169 -3.80 -13.72 11.94
CA GLY A 169 -3.51 -12.31 12.04
C GLY A 169 -2.59 -11.74 10.99
N LEU A 170 -2.44 -12.40 9.84
CA LEU A 170 -1.50 -11.97 8.79
C LEU A 170 -2.25 -11.88 7.47
N PRO A 171 -3.03 -10.83 7.26
CA PRO A 171 -3.88 -10.74 6.07
C PRO A 171 -3.12 -10.37 4.80
N LEU A 172 -3.80 -10.60 3.67
CA LEU A 172 -3.28 -10.36 2.33
C LEU A 172 -4.14 -9.37 1.57
N GLY A 173 -3.51 -8.34 1.01
CA GLY A 173 -4.18 -7.38 0.16
C GLY A 173 -3.72 -7.56 -1.27
N VAL A 174 -4.62 -7.28 -2.21
CA VAL A 174 -4.30 -7.34 -3.64
C VAL A 174 -4.66 -6.01 -4.28
N ASN A 175 -3.68 -5.40 -4.93
CA ASN A 175 -3.82 -4.07 -5.51
C ASN A 175 -4.03 -4.20 -7.02
N LEU A 176 -5.13 -3.60 -7.52
CA LEU A 176 -5.58 -3.77 -8.90
C LEU A 176 -5.26 -2.53 -9.72
N GLY A 177 -4.70 -2.74 -10.91
CA GLY A 177 -4.46 -1.66 -11.84
C GLY A 177 -5.21 -1.87 -13.15
N LYS A 178 -4.88 -1.06 -14.16
CA LYS A 178 -5.55 -1.14 -15.44
C LYS A 178 -4.49 -1.17 -16.54
N ASN A 179 -4.83 -1.82 -17.64
CA ASN A 179 -3.89 -1.90 -18.76
C ASN A 179 -3.77 -0.55 -19.46
N LYS A 180 -2.59 -0.32 -20.03
CA LYS A 180 -2.29 0.94 -20.68
C LYS A 180 -3.25 1.24 -21.82
N THR A 181 -3.59 0.24 -22.62
CA THR A 181 -4.40 0.44 -23.81
C THR A 181 -5.88 0.18 -23.59
N SER A 182 -6.30 -0.15 -22.36
CA SER A 182 -7.69 -0.46 -22.10
C SER A 182 -8.58 0.74 -22.41
N VAL A 183 -9.71 0.48 -23.09
CA VAL A 183 -10.66 1.54 -23.41
C VAL A 183 -11.69 1.77 -22.31
N ASP A 184 -11.81 0.86 -21.34
CA ASP A 184 -12.88 0.89 -20.34
C ASP A 184 -12.22 0.59 -18.99
N ALA A 185 -11.79 1.65 -18.30
CA ALA A 185 -11.05 1.47 -17.04
C ALA A 185 -11.87 0.69 -16.03
N ALA A 186 -13.15 1.00 -15.90
CA ALA A 186 -13.97 0.34 -14.91
C ALA A 186 -14.04 -1.16 -15.17
N GLU A 187 -14.07 -1.58 -16.43
CA GLU A 187 -14.13 -3.01 -16.70
C GLU A 187 -12.81 -3.70 -16.32
N ASP A 188 -11.67 -3.03 -16.50
CA ASP A 188 -10.41 -3.59 -16.03
C ASP A 188 -10.45 -3.86 -14.53
N TYR A 189 -10.94 -2.88 -13.76
CA TYR A 189 -11.01 -3.07 -12.32
C TYR A 189 -12.04 -4.16 -11.98
N ALA A 190 -13.18 -4.19 -12.70
CA ALA A 190 -14.16 -5.22 -12.44
C ALA A 190 -13.59 -6.61 -12.68
N GLU A 191 -12.79 -6.77 -13.74
N GLU A 191 -12.78 -6.77 -13.74
CA GLU A 191 -12.14 -8.05 -13.99
CA GLU A 191 -12.15 -8.05 -13.99
C GLU A 191 -11.22 -8.44 -12.85
C GLU A 191 -11.21 -8.44 -12.86
N GLY A 192 -10.45 -7.47 -12.34
CA GLY A 192 -9.58 -7.74 -11.20
C GLY A 192 -10.35 -8.19 -9.97
N VAL A 193 -11.50 -7.56 -9.71
CA VAL A 193 -12.33 -7.96 -8.57
C VAL A 193 -12.75 -9.41 -8.74
N ARG A 194 -13.21 -9.76 -9.94
CA ARG A 194 -13.73 -11.11 -10.16
C ARG A 194 -12.63 -12.16 -10.07
N VAL A 195 -11.43 -11.84 -10.56
CA VAL A 195 -10.37 -12.86 -10.66
C VAL A 195 -9.57 -12.97 -9.37
N LEU A 196 -9.17 -11.83 -8.78
CA LEU A 196 -8.36 -11.92 -7.56
C LEU A 196 -9.13 -11.59 -6.29
N GLY A 197 -10.32 -11.00 -6.39
CA GLY A 197 -11.14 -10.77 -5.22
C GLY A 197 -11.29 -11.99 -4.34
N PRO A 198 -11.55 -13.16 -4.94
CA PRO A 198 -11.78 -14.36 -4.11
C PRO A 198 -10.54 -14.86 -3.40
N LEU A 199 -9.37 -14.31 -3.71
CA LEU A 199 -8.12 -14.71 -3.10
C LEU A 199 -7.58 -13.67 -2.12
N ALA A 200 -8.31 -12.59 -1.87
CA ALA A 200 -7.79 -11.43 -1.17
C ALA A 200 -8.58 -11.14 0.09
N ASP A 201 -7.88 -10.70 1.15
CA ASP A 201 -8.60 -10.19 2.31
C ASP A 201 -9.10 -8.77 2.04
N TYR A 202 -8.34 -7.96 1.32
CA TYR A 202 -8.83 -6.69 0.83
C TYR A 202 -8.28 -6.45 -0.57
N LEU A 203 -9.04 -5.69 -1.34
CA LEU A 203 -8.65 -5.25 -2.67
C LEU A 203 -8.41 -3.75 -2.65
N VAL A 204 -7.48 -3.29 -3.50
CA VAL A 204 -7.18 -1.87 -3.63
C VAL A 204 -7.49 -1.43 -5.05
N VAL A 205 -8.37 -0.44 -5.20
CA VAL A 205 -8.60 0.20 -6.48
C VAL A 205 -7.57 1.32 -6.54
N ASN A 206 -6.49 1.04 -7.28
CA ASN A 206 -5.38 1.98 -7.40
C ASN A 206 -5.72 2.97 -8.50
N VAL A 207 -6.22 4.14 -8.13
CA VAL A 207 -6.49 5.19 -9.12
C VAL A 207 -5.44 6.30 -9.03
N SER A 208 -4.25 6.02 -8.48
CA SER A 208 -3.32 7.11 -8.16
C SER A 208 -1.89 6.86 -8.65
N SER A 209 -1.66 5.89 -9.53
CA SER A 209 -0.32 5.79 -10.10
C SER A 209 -0.04 7.06 -10.92
N PRO A 210 1.14 7.68 -10.76
CA PRO A 210 1.49 8.81 -11.62
C PRO A 210 1.94 8.40 -13.02
N ASN A 211 2.04 7.10 -13.29
CA ASN A 211 2.79 6.61 -14.44
C ASN A 211 1.90 5.95 -15.50
N THR A 212 0.59 6.11 -15.40
CA THR A 212 -0.34 5.68 -16.45
C THR A 212 -1.17 6.89 -16.87
N ALA A 213 -1.14 7.20 -18.17
CA ALA A 213 -1.84 8.37 -18.67
C ALA A 213 -3.33 8.28 -18.37
N GLY A 214 -3.86 9.35 -17.77
CA GLY A 214 -5.28 9.44 -17.48
C GLY A 214 -5.74 8.74 -16.21
N LEU A 215 -4.87 7.95 -15.56
CA LEU A 215 -5.32 7.17 -14.40
C LEU A 215 -5.85 8.05 -13.29
N ARG A 216 -5.10 9.10 -12.93
CA ARG A 216 -5.48 9.87 -11.75
C ARG A 216 -6.75 10.68 -11.95
N SER A 217 -7.18 10.90 -13.21
CA SER A 217 -8.47 11.53 -13.45
C SER A 217 -9.63 10.63 -13.01
N LEU A 218 -9.38 9.33 -12.84
CA LEU A 218 -10.38 8.46 -12.24
C LEU A 218 -10.67 8.82 -10.79
N GLN A 219 -9.88 9.72 -10.20
CA GLN A 219 -10.13 10.22 -8.86
C GLN A 219 -11.21 11.30 -8.81
N GLY A 220 -11.62 11.85 -9.95
CA GLY A 220 -12.68 12.85 -9.95
C GLY A 220 -14.01 12.26 -9.52
N LYS A 221 -14.92 13.15 -9.10
CA LYS A 221 -16.13 12.71 -8.40
C LYS A 221 -17.00 11.80 -9.27
N ALA A 222 -17.45 12.28 -10.43
CA ALA A 222 -18.39 11.51 -11.24
C ALA A 222 -17.75 10.21 -11.74
N GLU A 223 -16.56 10.31 -12.32
CA GLU A 223 -15.84 9.12 -12.77
C GLU A 223 -15.65 8.13 -11.62
N LEU A 224 -15.32 8.64 -10.43
CA LEU A 224 -15.00 7.75 -9.34
C LEU A 224 -16.26 7.07 -8.80
N ARG A 225 -17.38 7.80 -8.71
CA ARG A 225 -18.63 7.18 -8.26
C ARG A 225 -19.03 6.05 -9.18
N ARG A 226 -18.98 6.29 -10.49
CA ARG A 226 -19.36 5.26 -11.44
C ARG A 226 -18.41 4.07 -11.37
N LEU A 227 -17.10 4.34 -11.29
CA LEU A 227 -16.12 3.26 -11.19
C LEU A 227 -16.32 2.45 -9.93
N LEU A 228 -16.45 3.13 -8.79
CA LEU A 228 -16.55 2.40 -7.53
C LEU A 228 -17.89 1.69 -7.38
N THR A 229 -18.97 2.25 -7.93
CA THR A 229 -20.25 1.54 -7.92
C THR A 229 -20.11 0.18 -8.60
N LYS A 230 -19.48 0.16 -9.77
CA LYS A 230 -19.26 -1.10 -10.50
C LYS A 230 -18.36 -2.04 -9.72
N VAL A 231 -17.27 -1.52 -9.16
CA VAL A 231 -16.37 -2.36 -8.38
C VAL A 231 -17.09 -3.00 -7.20
N LEU A 232 -17.88 -2.20 -6.45
CA LEU A 232 -18.55 -2.75 -5.29
C LEU A 232 -19.64 -3.75 -5.69
N GLN A 233 -20.32 -3.51 -6.81
CA GLN A 233 -21.32 -4.49 -7.24
C GLN A 233 -20.64 -5.82 -7.55
N GLU A 234 -19.50 -5.78 -8.24
CA GLU A 234 -18.78 -7.01 -8.52
C GLU A 234 -18.32 -7.70 -7.25
N ARG A 235 -17.79 -6.92 -6.29
CA ARG A 235 -17.36 -7.50 -5.02
C ARG A 235 -18.55 -8.16 -4.30
N ASP A 236 -19.69 -7.47 -4.26
CA ASP A 236 -20.84 -7.99 -3.54
C ASP A 236 -21.36 -9.28 -4.16
N GLY A 237 -21.07 -9.52 -5.43
CA GLY A 237 -21.48 -10.73 -6.11
C GLY A 237 -20.62 -11.94 -5.84
N LEU A 238 -19.55 -11.80 -5.08
CA LEU A 238 -18.72 -12.94 -4.71
C LEU A 238 -19.30 -13.66 -3.50
N ARG A 239 -19.06 -14.97 -3.42
CA ARG A 239 -19.51 -15.75 -2.28
C ARG A 239 -18.88 -15.23 -0.98
N ARG A 240 -19.60 -15.43 0.13
CA ARG A 240 -19.31 -14.71 1.36
C ARG A 240 -17.86 -14.90 1.81
N VAL A 241 -17.37 -16.15 1.85
CA VAL A 241 -16.01 -16.32 2.36
C VAL A 241 -14.96 -15.86 1.37
N HIS A 242 -15.38 -15.41 0.19
CA HIS A 242 -14.49 -14.89 -0.84
C HIS A 242 -14.74 -13.42 -1.14
N ARG A 243 -15.37 -12.71 -0.20
CA ARG A 243 -15.78 -11.32 -0.41
C ARG A 243 -14.81 -10.39 0.31
N PRO A 244 -13.91 -9.70 -0.40
CA PRO A 244 -12.90 -8.87 0.27
C PRO A 244 -13.44 -7.49 0.58
N ALA A 245 -12.78 -6.83 1.53
CA ALA A 245 -12.96 -5.39 1.69
C ALA A 245 -12.41 -4.68 0.46
N VAL A 246 -12.96 -3.50 0.16
CA VAL A 246 -12.50 -2.72 -0.99
C VAL A 246 -12.00 -1.36 -0.48
N LEU A 247 -10.76 -1.03 -0.83
CA LEU A 247 -10.18 0.26 -0.48
C LEU A 247 -9.80 1.01 -1.75
N VAL A 248 -9.71 2.34 -1.65
CA VAL A 248 -9.26 3.19 -2.75
C VAL A 248 -7.93 3.80 -2.33
N LYS A 249 -6.93 3.69 -3.20
CA LYS A 249 -5.62 4.28 -2.95
C LYS A 249 -5.47 5.59 -3.70
N ILE A 250 -5.14 6.66 -2.97
CA ILE A 250 -5.19 8.01 -3.51
C ILE A 250 -3.80 8.64 -3.51
N ALA A 251 -3.70 9.67 -4.35
CA ALA A 251 -2.48 10.42 -4.53
C ALA A 251 -2.24 11.40 -3.39
N PRO A 252 -1.00 11.84 -3.21
CA PRO A 252 -0.69 12.94 -2.30
C PRO A 252 -0.83 14.32 -2.93
N ASP A 253 -1.24 14.38 -4.20
CA ASP A 253 -1.21 15.60 -4.99
C ASP A 253 -2.61 16.12 -5.30
N LEU A 254 -3.60 15.67 -4.55
CA LEU A 254 -4.97 16.05 -4.81
C LEU A 254 -5.25 17.48 -4.35
N THR A 255 -6.14 18.16 -5.06
CA THR A 255 -6.63 19.44 -4.57
C THR A 255 -7.57 19.23 -3.39
N SER A 256 -7.82 20.33 -2.65
CA SER A 256 -8.79 20.26 -1.58
C SER A 256 -10.15 19.80 -2.10
N GLN A 257 -10.55 20.27 -3.29
CA GLN A 257 -11.80 19.83 -3.89
C GLN A 257 -11.79 18.33 -4.16
N ASP A 258 -10.69 17.83 -4.71
CA ASP A 258 -10.57 16.39 -4.99
C ASP A 258 -10.79 15.57 -3.73
N LYS A 259 -10.17 15.99 -2.63
CA LYS A 259 -10.28 15.25 -1.37
C LYS A 259 -11.69 15.30 -0.84
N GLU A 260 -12.34 16.47 -0.89
CA GLU A 260 -13.74 16.58 -0.49
C GLU A 260 -14.61 15.60 -1.28
N ASP A 261 -14.38 15.54 -2.59
CA ASP A 261 -15.19 14.69 -3.45
C ASP A 261 -14.97 13.22 -3.14
N ILE A 262 -13.70 12.83 -2.95
CA ILE A 262 -13.42 11.43 -2.62
C ILE A 262 -14.09 11.04 -1.31
N ALA A 263 -13.97 11.90 -0.31
CA ALA A 263 -14.62 11.61 0.97
C ALA A 263 -16.11 11.43 0.79
N SER A 264 -16.73 12.30 0.01
CA SER A 264 -18.18 12.22 -0.22
C SER A 264 -18.56 10.89 -0.86
N VAL A 265 -17.84 10.50 -1.90
CA VAL A 265 -18.17 9.26 -2.62
C VAL A 265 -17.92 8.06 -1.72
N VAL A 266 -16.83 8.08 -0.96
CA VAL A 266 -16.52 6.95 -0.10
C VAL A 266 -17.64 6.73 0.91
N LYS A 267 -18.17 7.82 1.48
CA LYS A 267 -19.24 7.62 2.46
C LYS A 267 -20.56 7.27 1.79
N GLU A 268 -20.84 7.85 0.61
CA GLU A 268 -22.07 7.55 -0.10
C GLU A 268 -22.15 6.06 -0.45
N LEU A 269 -21.03 5.47 -0.86
CA LEU A 269 -21.04 4.11 -1.39
C LEU A 269 -20.67 3.06 -0.36
N GLY A 270 -20.17 3.46 0.81
CA GLY A 270 -19.74 2.48 1.78
C GLY A 270 -18.41 1.82 1.45
N ILE A 271 -17.52 2.55 0.78
CA ILE A 271 -16.16 2.05 0.57
C ILE A 271 -15.54 1.71 1.92
N ASP A 272 -14.82 0.59 1.97
CA ASP A 272 -14.38 0.05 3.26
C ASP A 272 -13.15 0.77 3.82
N GLY A 273 -12.37 1.44 3.00
CA GLY A 273 -11.17 2.08 3.53
C GLY A 273 -10.44 2.85 2.45
N LEU A 274 -9.40 3.56 2.88
CA LEU A 274 -8.55 4.34 1.99
C LEU A 274 -7.09 3.98 2.24
N ILE A 275 -6.28 3.98 1.18
CA ILE A 275 -4.83 3.89 1.30
C ILE A 275 -4.27 5.24 0.90
N VAL A 276 -3.48 5.83 1.79
CA VAL A 276 -3.09 7.23 1.72
C VAL A 276 -1.62 7.29 2.11
N THR A 277 -0.69 7.45 1.16
CA THR A 277 -0.82 7.83 -0.24
C THR A 277 0.09 7.03 -1.15
N ASN A 278 -0.18 7.18 -2.45
CA ASN A 278 0.76 6.78 -3.50
C ASN A 278 1.95 7.76 -3.54
N THR A 279 2.81 7.59 -4.53
CA THR A 279 3.95 8.48 -4.72
C THR A 279 3.49 9.86 -5.22
N THR A 280 4.39 10.84 -5.12
CA THR A 280 4.08 12.21 -5.52
C THR A 280 4.76 12.60 -6.84
N VAL A 281 4.01 13.32 -7.69
CA VAL A 281 4.61 13.94 -8.86
C VAL A 281 5.14 15.33 -8.54
N SER A 282 4.97 15.80 -7.32
CA SER A 282 5.64 17.02 -6.91
C SER A 282 7.12 16.74 -6.67
N ARG A 283 7.90 17.82 -6.62
CA ARG A 283 9.32 17.75 -6.30
C ARG A 283 9.55 18.78 -5.22
N PRO A 284 9.41 18.40 -3.96
CA PRO A 284 9.56 19.35 -2.86
C PRO A 284 10.86 20.12 -2.97
N ALA A 285 10.80 21.39 -2.60
CA ALA A 285 12.03 22.17 -2.52
C ALA A 285 13.03 21.43 -1.63
N GLY A 286 14.29 21.47 -2.03
CA GLY A 286 15.37 20.95 -1.21
C GLY A 286 15.91 19.60 -1.65
N LEU A 287 15.28 18.92 -2.60
CA LEU A 287 15.86 17.67 -3.08
C LEU A 287 17.27 17.90 -3.58
N GLN A 288 18.17 16.98 -3.21
CA GLN A 288 19.59 17.06 -3.57
C GLN A 288 20.03 16.04 -4.59
N GLY A 289 19.32 14.91 -4.70
CA GLY A 289 19.76 13.87 -5.61
C GLY A 289 19.97 14.37 -7.03
N ALA A 290 21.02 13.87 -7.69
CA ALA A 290 21.27 14.24 -9.07
C ALA A 290 20.08 13.92 -9.97
N LEU A 291 19.29 12.91 -9.62
CA LEU A 291 18.22 12.41 -10.48
C LEU A 291 16.85 12.98 -10.09
N ARG A 292 16.83 14.08 -9.31
CA ARG A 292 15.58 14.63 -8.81
C ARG A 292 14.60 15.06 -9.90
N SER A 293 15.07 15.35 -11.12
CA SER A 293 14.18 15.82 -12.17
C SER A 293 13.80 14.73 -13.17
N GLU A 294 14.09 13.47 -12.85
CA GLU A 294 13.51 12.35 -13.59
C GLU A 294 11.99 12.35 -13.46
N THR A 295 11.30 11.98 -14.55
CA THR A 295 9.86 11.79 -14.52
C THR A 295 9.51 10.57 -13.68
N GLY A 296 8.48 10.71 -12.84
CA GLY A 296 7.97 9.56 -12.11
C GLY A 296 7.41 9.95 -10.76
N GLY A 297 7.02 8.93 -10.00
CA GLY A 297 6.53 9.14 -8.65
C GLY A 297 7.69 9.12 -7.66
N LEU A 298 7.72 10.14 -6.79
CA LEU A 298 8.73 10.24 -5.73
C LEU A 298 8.22 9.58 -4.45
N SER A 299 9.08 8.77 -3.83
CA SER A 299 8.76 8.08 -2.58
C SER A 299 9.86 8.35 -1.56
N GLY A 300 9.66 7.84 -0.34
CA GLY A 300 10.68 8.01 0.69
C GLY A 300 10.51 9.27 1.52
N LYS A 301 11.61 9.71 2.13
CA LYS A 301 11.52 10.76 3.14
CA LYS A 301 11.50 10.75 3.15
C LYS A 301 10.85 12.03 2.65
N PRO A 302 11.11 12.51 1.42
CA PRO A 302 10.49 13.78 1.00
C PRO A 302 8.98 13.71 0.85
N LEU A 303 8.42 12.52 0.78
CA LEU A 303 6.98 12.32 0.71
C LEU A 303 6.34 12.20 2.09
N ARG A 304 7.12 11.94 3.13
CA ARG A 304 6.55 11.49 4.41
C ARG A 304 5.47 12.42 4.92
N ASP A 305 5.78 13.71 5.10
CA ASP A 305 4.83 14.57 5.78
C ASP A 305 3.69 15.02 4.88
N LEU A 306 3.93 15.11 3.57
CA LEU A 306 2.82 15.27 2.63
C LEU A 306 1.80 14.15 2.77
N SER A 307 2.29 12.92 2.95
CA SER A 307 1.41 11.78 3.15
CA SER A 307 1.39 11.79 3.15
C SER A 307 0.68 11.87 4.49
N THR A 308 1.41 12.17 5.55
CA THR A 308 0.79 12.28 6.87
C THR A 308 -0.32 13.32 6.87
N GLN A 309 -0.07 14.47 6.24
CA GLN A 309 -1.08 15.51 6.17
C GLN A 309 -2.30 15.07 5.36
N THR A 310 -2.10 14.25 4.33
CA THR A 310 -3.24 13.76 3.55
C THR A 310 -4.07 12.78 4.37
N ILE A 311 -3.39 11.91 5.15
CA ILE A 311 -4.09 11.05 6.11
C ILE A 311 -4.93 11.89 7.06
N ARG A 312 -4.31 12.93 7.62
CA ARG A 312 -5.00 13.80 8.57
C ARG A 312 -6.28 14.38 7.98
N GLU A 313 -6.17 14.93 6.77
CA GLU A 313 -7.33 15.52 6.11
C GLU A 313 -8.40 14.48 5.80
N MET A 314 -8.00 13.31 5.27
CA MET A 314 -9.03 12.33 4.90
C MET A 314 -9.72 11.78 6.13
N TYR A 315 -9.00 11.58 7.23
CA TYR A 315 -9.63 11.14 8.48
C TYR A 315 -10.69 12.14 8.93
N ALA A 316 -10.36 13.43 8.92
CA ALA A 316 -11.35 14.42 9.32
C ALA A 316 -12.53 14.46 8.36
N LEU A 317 -12.29 14.42 7.04
CA LEU A 317 -13.38 14.47 6.08
C LEU A 317 -14.30 13.27 6.17
N THR A 318 -13.83 12.14 6.67
CA THR A 318 -14.66 10.95 6.85
C THR A 318 -15.04 10.71 8.31
N GLN A 319 -14.84 11.71 9.17
CA GLN A 319 -15.29 11.67 10.57
C GLN A 319 -14.70 10.49 11.32
N GLY A 320 -13.51 10.05 10.91
CA GLY A 320 -12.86 8.95 11.57
C GLY A 320 -13.55 7.61 11.42
N ARG A 321 -14.53 7.50 10.53
CA ARG A 321 -15.32 6.28 10.40
C ARG A 321 -14.84 5.39 9.25
N VAL A 322 -13.82 5.81 8.50
CA VAL A 322 -13.32 5.05 7.36
C VAL A 322 -11.88 4.65 7.64
N PRO A 323 -11.57 3.37 7.77
CA PRO A 323 -10.19 2.95 8.03
C PRO A 323 -9.22 3.47 6.97
N ILE A 324 -8.06 3.92 7.42
CA ILE A 324 -7.00 4.42 6.55
C ILE A 324 -5.75 3.58 6.77
N ILE A 325 -5.16 3.14 5.66
CA ILE A 325 -3.81 2.58 5.67
C ILE A 325 -2.86 3.69 5.24
N GLY A 326 -1.98 4.11 6.14
CA GLY A 326 -1.10 5.25 5.90
C GLY A 326 0.24 4.80 5.34
N VAL A 327 0.68 5.46 4.27
CA VAL A 327 1.91 5.04 3.61
C VAL A 327 2.55 6.24 2.96
N GLY A 328 3.89 6.27 3.02
CA GLY A 328 4.70 7.33 2.45
C GLY A 328 5.78 7.75 3.42
N GLY A 329 7.02 7.36 3.14
CA GLY A 329 8.14 7.84 3.94
C GLY A 329 8.25 7.27 5.35
N VAL A 330 7.67 6.11 5.63
CA VAL A 330 7.81 5.52 6.97
C VAL A 330 9.12 4.77 7.05
N SER A 331 10.01 5.19 7.94
CA SER A 331 11.25 4.46 8.18
CA SER A 331 11.28 4.52 8.18
C SER A 331 11.57 4.27 9.66
N SER A 332 10.67 4.68 10.55
CA SER A 332 10.92 4.61 11.98
C SER A 332 9.60 4.46 12.73
N GLY A 333 9.72 4.13 14.01
CA GLY A 333 8.53 4.09 14.86
C GLY A 333 7.84 5.43 14.96
N GLN A 334 8.62 6.51 15.05
CA GLN A 334 8.00 7.83 15.08
C GLN A 334 7.23 8.09 13.81
N ASP A 335 7.82 7.75 12.65
CA ASP A 335 7.08 7.94 11.41
C ASP A 335 5.77 7.19 11.44
N ALA A 336 5.79 5.96 11.93
CA ALA A 336 4.56 5.16 11.99
C ALA A 336 3.55 5.78 12.94
N LEU A 337 3.99 6.16 14.14
CA LEU A 337 3.06 6.70 15.13
C LEU A 337 2.49 8.04 14.67
N GLU A 338 3.28 8.85 13.95
CA GLU A 338 2.71 10.10 13.46
C GLU A 338 1.55 9.84 12.53
N LYS A 339 1.66 8.82 11.66
CA LYS A 339 0.55 8.52 10.76
C LYS A 339 -0.63 7.92 11.50
N ILE A 340 -0.36 7.07 12.49
CA ILE A 340 -1.44 6.50 13.31
C ILE A 340 -2.19 7.60 14.06
N ARG A 341 -1.44 8.51 14.72
CA ARG A 341 -2.08 9.60 15.45
C ARG A 341 -2.86 10.52 14.51
N ALA A 342 -2.41 10.64 13.24
CA ALA A 342 -3.13 11.44 12.25
C ALA A 342 -4.38 10.75 11.72
N GLY A 343 -4.54 9.46 11.97
CA GLY A 343 -5.76 8.78 11.56
C GLY A 343 -5.58 7.42 10.92
N ALA A 344 -4.35 6.95 10.74
CA ALA A 344 -4.14 5.64 10.13
C ALA A 344 -4.35 4.51 11.14
N SER A 345 -5.11 3.47 10.73
CA SER A 345 -5.20 2.25 11.54
C SER A 345 -4.05 1.29 11.29
N LEU A 346 -3.44 1.37 10.11
CA LEU A 346 -2.33 0.53 9.70
C LEU A 346 -1.39 1.41 8.90
N VAL A 347 -0.12 1.02 8.79
CA VAL A 347 0.82 1.71 7.92
C VAL A 347 1.51 0.70 7.02
N GLN A 348 2.12 1.23 5.95
CA GLN A 348 2.95 0.44 5.04
C GLN A 348 4.25 1.16 4.77
N LEU A 349 5.24 0.41 4.30
CA LEU A 349 6.48 1.03 3.81
C LEU A 349 7.01 0.23 2.64
N TYR A 350 7.80 0.91 1.80
CA TYR A 350 8.59 0.24 0.77
C TYR A 350 9.98 0.86 0.73
N THR A 351 10.06 2.15 0.41
CA THR A 351 11.34 2.75 0.08
C THR A 351 12.37 2.59 1.23
N ALA A 352 11.95 2.73 2.49
CA ALA A 352 12.91 2.59 3.59
C ALA A 352 13.61 1.23 3.58
N LEU A 353 12.90 0.18 3.15
CA LEU A 353 13.50 -1.15 3.08
C LEU A 353 14.70 -1.16 2.16
N THR A 354 14.68 -0.36 1.10
CA THR A 354 15.76 -0.35 0.13
C THR A 354 16.94 0.51 0.55
N PHE A 355 16.81 1.27 1.65
CA PHE A 355 17.94 2.00 2.21
C PHE A 355 18.49 1.35 3.46
N TRP A 356 17.63 0.83 4.35
CA TRP A 356 18.06 0.27 5.62
C TRP A 356 18.00 -1.24 5.71
N GLY A 357 17.48 -1.91 4.69
CA GLY A 357 17.44 -3.35 4.66
C GLY A 357 16.35 -3.96 5.53
N PRO A 358 16.30 -5.29 5.56
CA PRO A 358 15.25 -6.00 6.28
C PRO A 358 15.15 -5.62 7.76
N PRO A 359 16.25 -5.27 8.42
CA PRO A 359 16.11 -4.90 9.85
C PRO A 359 15.19 -3.73 10.10
N VAL A 360 14.85 -2.92 9.09
CA VAL A 360 14.00 -1.76 9.33
C VAL A 360 12.60 -2.18 9.82
N VAL A 361 12.15 -3.38 9.46
CA VAL A 361 10.80 -3.80 9.85
C VAL A 361 10.72 -3.97 11.37
N GLY A 362 11.63 -4.76 11.94
CA GLY A 362 11.65 -4.90 13.39
C GLY A 362 11.93 -3.59 14.09
N LYS A 363 12.77 -2.75 13.49
CA LYS A 363 13.07 -1.45 14.09
C LYS A 363 11.82 -0.60 14.23
N VAL A 364 11.03 -0.50 13.15
CA VAL A 364 9.80 0.27 13.23
C VAL A 364 8.88 -0.27 14.32
N LYS A 365 8.75 -1.59 14.40
CA LYS A 365 7.80 -2.18 15.34
C LYS A 365 8.28 -1.96 16.79
N ARG A 366 9.58 -2.16 17.05
CA ARG A 366 10.10 -1.96 18.40
C ARG A 366 10.04 -0.50 18.82
N GLU A 367 10.40 0.42 17.91
CA GLU A 367 10.28 1.83 18.25
C GLU A 367 8.84 2.24 18.47
N LEU A 368 7.92 1.70 17.65
CA LEU A 368 6.51 2.04 17.79
C LEU A 368 5.98 1.62 19.16
N GLU A 369 6.29 0.39 19.56
CA GLU A 369 5.83 -0.09 20.86
C GLU A 369 6.39 0.79 21.98
N ALA A 370 7.66 1.17 21.90
CA ALA A 370 8.25 2.01 22.93
C ALA A 370 7.58 3.38 23.00
N LEU A 371 7.29 3.97 21.83
CA LEU A 371 6.67 5.29 21.82
C LEU A 371 5.24 5.24 22.34
N LEU A 372 4.50 4.18 22.01
CA LEU A 372 3.15 4.05 22.53
C LEU A 372 3.16 4.05 24.06
N LYS A 373 4.09 3.29 24.65
CA LYS A 373 4.21 3.25 26.10
C LYS A 373 4.59 4.62 26.65
N GLU A 374 5.57 5.28 26.03
CA GLU A 374 6.00 6.59 26.52
C GLU A 374 4.87 7.60 26.51
N GLN A 375 3.98 7.52 25.52
CA GLN A 375 2.94 8.51 25.36
C GLN A 375 1.63 8.09 26.01
N GLY A 376 1.64 6.99 26.77
CA GLY A 376 0.51 6.59 27.58
C GLY A 376 -0.60 5.87 26.84
N PHE A 377 -0.32 5.32 25.67
CA PHE A 377 -1.33 4.57 24.93
C PHE A 377 -1.28 3.10 25.36
N GLY A 378 -2.47 2.51 25.53
CA GLY A 378 -2.53 1.09 25.83
C GLY A 378 -2.07 0.23 24.68
N GLY A 379 -2.23 0.73 23.45
CA GLY A 379 -1.82 -0.01 22.27
C GLY A 379 -2.08 0.83 21.05
N VAL A 380 -1.81 0.24 19.89
CA VAL A 380 -2.01 0.96 18.62
C VAL A 380 -3.43 1.50 18.53
N THR A 381 -4.43 0.66 18.86
CA THR A 381 -5.82 1.06 18.67
C THR A 381 -6.14 2.35 19.41
N ASP A 382 -5.60 2.51 20.62
CA ASP A 382 -5.87 3.72 21.39
CA ASP A 382 -5.83 3.71 21.42
C ASP A 382 -5.28 4.96 20.74
N ALA A 383 -4.24 4.80 19.93
CA ALA A 383 -3.58 5.96 19.32
C ALA A 383 -4.19 6.37 17.99
N ILE A 384 -5.00 5.52 17.35
CA ILE A 384 -5.55 5.86 16.04
C ILE A 384 -6.36 7.14 16.12
N GLY A 385 -5.95 8.15 15.37
CA GLY A 385 -6.64 9.42 15.33
C GLY A 385 -6.45 10.30 16.54
N ALA A 386 -5.52 9.97 17.44
CA ALA A 386 -5.42 10.70 18.71
C ALA A 386 -5.20 12.19 18.51
N ASP A 387 -4.51 12.59 17.43
CA ASP A 387 -4.27 14.02 17.24
C ASP A 387 -5.57 14.79 17.10
N HIS A 388 -6.62 14.16 16.57
CA HIS A 388 -7.87 14.86 16.33
C HIS A 388 -8.68 15.06 17.61
N ARG A 389 -8.32 14.38 18.68
CA ARG A 389 -9.02 14.46 19.95
C ARG A 389 -8.28 15.32 20.97
N ARG A 390 -7.15 15.91 20.59
CA ARG A 390 -6.42 16.87 21.41
C ARG A 390 -7.18 18.19 21.47
#